data_4ED5
#
_entry.id   4ED5
#
_cell.length_a   136.770
_cell.length_b   62.750
_cell.length_c   53.290
_cell.angle_alpha   90.00
_cell.angle_beta   111.89
_cell.angle_gamma   90.00
#
_symmetry.space_group_name_H-M   'C 1 2 1'
#
loop_
_entity.id
_entity.type
_entity.pdbx_description
1 polymer 'ELAV-like protein 1'
2 polymer "5'-R(*A*UP*UP*UP*UP*UP*AP*UP*UP*UP*U)-3'"
3 non-polymer GLYCEROL
4 non-polymer 1-METHOXY-2-(2-METHOXYETHOXY)ETHANE
5 non-polymer 1,2-ETHANEDIOL
6 water water
#
loop_
_entity_poly.entity_id
_entity_poly.type
_entity_poly.pdbx_seq_one_letter_code
_entity_poly.pdbx_strand_id
1 'polypeptide(L)'
;GRTNLIVNYLPQNMTQDELRSLFSSIGEVESAKLIRDKVAGHSLGYGFVNYVTAKDAERAINTLNGLRLQSKTIKVSYAR
PSSEVIKDANLYISGLPRTMTQKDVEDMFSRFGRIINSRVLVDQTTGLSRGVAFIRFDKRSEAEEAITSFNGHKPPGSSE
PITVKFAANLEHHHHHH
;
A,B
2 'polyribonucleotide' AUUUUUAUUUU C,D
#
loop_
_chem_comp.id
_chem_comp.type
_chem_comp.name
_chem_comp.formula
A RNA linking ADENOSINE-5'-MONOPHOSPHATE 'C10 H14 N5 O7 P'
EDO non-polymer 1,2-ETHANEDIOL 'C2 H6 O2'
GOL non-polymer GLYCEROL 'C3 H8 O3'
M2M non-polymer 1-METHOXY-2-(2-METHOXYETHOXY)ETHANE 'C6 H14 O3'
U RNA linking URIDINE-5'-MONOPHOSPHATE 'C9 H13 N2 O9 P'
#
# COMPACT_ATOMS: atom_id res chain seq x y z
N GLY A 1 -6.54 27.22 9.36
CA GLY A 1 -5.11 26.79 9.36
C GLY A 1 -4.89 25.51 10.15
N ARG A 2 -3.78 24.83 9.89
CA ARG A 2 -3.50 23.54 10.53
C ARG A 2 -3.08 23.70 12.00
N THR A 3 -3.55 22.76 12.84
CA THR A 3 -3.30 22.79 14.30
C THR A 3 -2.58 21.55 14.86
N ASN A 4 -2.59 20.45 14.10
CA ASN A 4 -2.13 19.15 14.58
C ASN A 4 -0.69 18.84 14.14
N LEU A 5 0.15 18.53 15.13
CA LEU A 5 1.58 18.28 14.89
C LEU A 5 1.95 16.83 15.19
N ILE A 6 2.83 16.27 14.37
CA ILE A 6 3.47 15.01 14.73
C ILE A 6 4.86 15.33 15.26
N VAL A 7 5.26 14.65 16.33
CA VAL A 7 6.52 14.93 17.00
C VAL A 7 7.32 13.62 17.03
N ASN A 8 8.43 13.59 16.31
CA ASN A 8 9.21 12.36 16.13
C ASN A 8 10.52 12.49 16.91
N TYR A 9 11.18 11.36 17.18
CA TYR A 9 12.46 11.29 17.88
C TYR A 9 12.35 11.71 19.34
N LEU A 10 11.27 11.28 19.99
CA LEU A 10 11.10 11.52 21.42
C LEU A 10 12.03 10.58 22.20
N PRO A 11 12.53 11.04 23.36
CA PRO A 11 13.26 10.08 24.18
C PRO A 11 12.40 8.89 24.54
N GLN A 12 13.05 7.72 24.64
CA GLN A 12 12.38 6.46 24.97
C GLN A 12 11.53 6.52 26.22
N ASN A 13 11.97 7.27 27.22
CA ASN A 13 11.28 7.31 28.49
C ASN A 13 10.41 8.54 28.71
N MET A 14 10.22 9.34 27.65
CA MET A 14 9.32 10.48 27.75
C MET A 14 7.88 10.02 27.88
N THR A 15 7.14 10.63 28.80
CA THR A 15 5.75 10.26 29.01
C THR A 15 4.83 11.21 28.28
N GLN A 16 3.57 10.81 28.15
CA GLN A 16 2.55 11.65 27.54
C GLN A 16 2.39 12.95 28.32
N ASP A 17 2.42 12.87 29.66
CA ASP A 17 2.32 14.07 30.50
C ASP A 17 3.46 15.04 30.25
N GLU A 18 4.66 14.51 30.06
CA GLU A 18 5.85 15.32 29.75
C GLU A 18 5.77 15.98 28.36
N LEU A 19 5.27 15.23 27.39
CA LEU A 19 5.02 15.76 26.05
C LEU A 19 4.04 16.92 26.11
N ARG A 20 2.90 16.71 26.76
CA ARG A 20 1.89 17.77 26.94
C ARG A 20 2.46 19.03 27.60
N SER A 21 3.22 18.84 28.69
CA SER A 21 3.77 19.96 29.46
C SER A 21 4.78 20.76 28.67
N LEU A 22 5.69 20.06 28.01
CA LEU A 22 6.66 20.70 27.13
C LEU A 22 5.99 21.59 26.08
N PHE A 23 5.00 21.05 25.38
CA PHE A 23 4.32 21.80 24.32
C PHE A 23 3.33 22.87 24.82
N SER A 24 2.89 22.76 26.08
N SER A 24 2.89 22.76 26.08
CA SER A 24 1.99 23.74 26.67
CA SER A 24 2.00 23.75 26.68
C SER A 24 2.66 25.11 26.90
C SER A 24 2.65 25.11 26.88
N SER A 25 3.99 25.13 26.88
CA SER A 25 4.74 26.40 26.98
C SER A 25 4.44 27.36 25.82
N ILE A 26 4.08 26.80 24.65
CA ILE A 26 3.82 27.61 23.44
C ILE A 26 2.44 28.25 23.50
N GLY A 27 1.44 27.45 23.84
CA GLY A 27 0.07 27.93 23.91
C GLY A 27 -0.84 26.82 24.37
N GLU A 28 -2.14 27.05 24.28
CA GLU A 28 -3.12 26.12 24.76
C GLU A 28 -3.21 24.88 23.88
N VAL A 29 -2.88 23.75 24.48
CA VAL A 29 -2.88 22.46 23.81
C VAL A 29 -4.28 21.82 23.91
N GLU A 30 -4.84 21.46 22.77
CA GLU A 30 -6.13 20.77 22.72
C GLU A 30 -5.97 19.32 23.19
N SER A 31 -4.93 18.63 22.71
CA SER A 31 -4.63 17.25 23.14
C SER A 31 -3.21 16.89 22.75
N ALA A 32 -2.62 15.95 23.49
CA ALA A 32 -1.32 15.37 23.18
C ALA A 32 -1.42 13.88 23.41
N LYS A 33 -0.78 13.11 22.54
CA LYS A 33 -0.83 11.68 22.65
C LYS A 33 0.55 11.15 22.33
N LEU A 34 1.07 10.30 23.22
CA LEU A 34 2.29 9.58 22.99
C LEU A 34 1.93 8.22 22.45
N ILE A 35 2.50 7.85 21.30
CA ILE A 35 2.17 6.55 20.73
C ILE A 35 3.03 5.44 21.32
N ARG A 36 2.35 4.38 21.75
CA ARG A 36 3.00 3.24 22.37
C ARG A 36 2.60 1.95 21.63
N ASP A 37 3.46 0.93 21.72
CA ASP A 37 3.17 -0.37 21.12
C ASP A 37 1.93 -1.00 21.74
N LYS A 38 1.03 -1.51 20.90
CA LYS A 38 -0.23 -2.11 21.35
C LYS A 38 -0.05 -3.40 22.14
N VAL A 39 0.96 -4.17 21.77
CA VAL A 39 1.17 -5.52 22.30
C VAL A 39 1.89 -5.55 23.66
N ALA A 40 2.95 -4.76 23.79
CA ALA A 40 3.85 -4.83 24.94
C ALA A 40 3.94 -3.53 25.75
N GLY A 41 3.44 -2.44 25.19
CA GLY A 41 3.23 -1.22 25.96
C GLY A 41 4.30 -0.13 25.93
N HIS A 42 5.44 -0.39 25.32
CA HIS A 42 6.53 0.61 25.26
C HIS A 42 6.28 1.76 24.28
N SER A 43 6.76 2.95 24.64
CA SER A 43 6.68 4.11 23.74
C SER A 43 7.27 3.77 22.38
N LEU A 44 6.66 4.28 21.31
CA LEU A 44 7.25 4.17 19.99
C LEU A 44 8.04 5.44 19.62
N GLY A 45 8.22 6.33 20.59
CA GLY A 45 9.13 7.48 20.44
C GLY A 45 8.62 8.58 19.53
N TYR A 46 7.31 8.64 19.37
CA TYR A 46 6.66 9.69 18.61
C TYR A 46 5.29 9.98 19.19
N GLY A 47 4.76 11.16 18.88
CA GLY A 47 3.45 11.52 19.44
C GLY A 47 2.79 12.59 18.60
N PHE A 48 1.59 13.00 19.02
CA PHE A 48 0.87 14.08 18.35
C PHE A 48 0.47 15.15 19.34
N VAL A 49 0.62 16.39 18.92
CA VAL A 49 0.21 17.52 19.73
C VAL A 49 -0.73 18.38 18.90
N ASN A 50 -1.96 18.51 19.38
CA ASN A 50 -2.92 19.32 18.67
C ASN A 50 -3.20 20.58 19.48
N TYR A 51 -2.95 21.73 18.86
CA TYR A 51 -3.20 23.00 19.51
C TYR A 51 -4.61 23.46 19.26
N VAL A 52 -5.12 24.28 20.18
CA VAL A 52 -6.39 24.97 19.96
C VAL A 52 -6.29 25.87 18.72
N THR A 53 -5.18 26.61 18.58
CA THR A 53 -5.07 27.59 17.49
C THR A 53 -3.98 27.28 16.48
N ALA A 54 -4.16 27.74 15.25
CA ALA A 54 -3.18 27.49 14.18
C ALA A 54 -1.90 28.31 14.35
N LYS A 55 -2.01 29.53 14.86
CA LYS A 55 -0.81 30.33 15.12
C LYS A 55 0.09 29.65 16.17
N ASP A 56 -0.50 28.99 17.16
CA ASP A 56 0.29 28.30 18.18
C ASP A 56 1.00 27.08 17.62
N ALA A 57 0.31 26.32 16.77
CA ALA A 57 0.92 25.18 16.10
C ALA A 57 2.13 25.66 15.30
N GLU A 58 1.95 26.76 14.56
CA GLU A 58 3.02 27.28 13.71
C GLU A 58 4.21 27.72 14.59
N ARG A 59 3.92 28.43 15.69
CA ARG A 59 4.97 28.86 16.63
C ARG A 59 5.71 27.67 17.27
N ALA A 60 4.98 26.59 17.55
CA ALA A 60 5.55 25.38 18.12
C ALA A 60 6.54 24.71 17.18
N ILE A 61 6.22 24.68 15.88
CA ILE A 61 7.15 24.17 14.88
C ILE A 61 8.43 25.02 14.89
N ASN A 62 8.28 26.33 14.80
CA ASN A 62 9.45 27.21 14.73
C ASN A 62 10.31 27.19 15.99
N THR A 63 9.68 27.06 17.15
CA THR A 63 10.38 27.04 18.44
C THR A 63 10.97 25.67 18.81
N LEU A 64 10.20 24.62 18.57
CA LEU A 64 10.53 23.31 19.16
C LEU A 64 11.09 22.27 18.19
N ASN A 65 10.88 22.47 16.89
CA ASN A 65 11.56 21.62 15.90
C ASN A 65 13.07 21.67 16.15
N GLY A 66 13.71 20.51 16.20
CA GLY A 66 15.13 20.46 16.51
C GLY A 66 15.53 20.57 17.98
N LEU A 67 14.57 20.67 18.90
CA LEU A 67 14.89 20.76 20.32
C LEU A 67 15.62 19.51 20.83
N ARG A 68 16.73 19.70 21.55
CA ARG A 68 17.44 18.55 22.13
C ARG A 68 16.79 18.09 23.42
N LEU A 69 16.45 16.80 23.46
CA LEU A 69 15.89 16.18 24.66
C LEU A 69 16.70 14.91 24.93
N GLN A 70 17.46 14.92 26.03
CA GLN A 70 18.40 13.84 26.33
C GLN A 70 19.36 13.65 25.14
N SER A 71 19.43 12.47 24.53
CA SER A 71 20.32 12.27 23.37
C SER A 71 19.62 12.43 22.02
N LYS A 72 18.36 12.87 22.06
CA LYS A 72 17.53 13.00 20.87
C LYS A 72 17.43 14.44 20.39
N THR A 73 17.14 14.59 19.11
CA THR A 73 16.85 15.89 18.51
C THR A 73 15.46 15.75 17.91
N ILE A 74 14.45 16.36 18.55
CA ILE A 74 13.08 16.09 18.13
C ILE A 74 12.77 16.72 16.77
N LYS A 75 11.82 16.15 16.06
CA LYS A 75 11.27 16.76 14.87
C LYS A 75 9.84 17.12 15.17
N VAL A 76 9.46 18.34 14.82
CA VAL A 76 8.10 18.82 14.96
C VAL A 76 7.66 19.32 13.59
N SER A 77 6.58 18.75 13.07
CA SER A 77 6.07 19.08 11.74
C SER A 77 4.56 18.91 11.72
N TYR A 78 3.88 19.51 10.74
CA TYR A 78 2.45 19.32 10.60
C TYR A 78 2.12 17.86 10.32
N ALA A 79 1.18 17.29 11.05
CA ALA A 79 0.70 15.94 10.77
C ALA A 79 -0.17 15.97 9.52
N ARG A 80 0.04 15.01 8.63
CA ARG A 80 -0.88 14.82 7.50
C ARG A 80 -2.17 14.14 8.02
N PRO A 81 -3.29 14.28 7.28
CA PRO A 81 -4.51 13.62 7.75
C PRO A 81 -4.29 12.13 7.95
N SER A 82 -4.77 11.64 9.09
CA SER A 82 -4.62 10.23 9.43
C SER A 82 -5.41 9.38 8.43
N SER A 83 -4.76 8.34 7.92
CA SER A 83 -5.34 7.50 6.89
C SER A 83 -4.51 6.25 6.71
N GLU A 84 -5.17 5.19 6.24
CA GLU A 84 -4.46 3.97 5.93
C GLU A 84 -3.45 4.18 4.79
N VAL A 85 -3.74 5.13 3.90
CA VAL A 85 -2.91 5.33 2.70
C VAL A 85 -1.46 5.75 3.01
N ILE A 86 -1.24 6.38 4.15
CA ILE A 86 0.10 6.94 4.45
C ILE A 86 0.99 5.96 5.20
N LYS A 87 0.41 4.86 5.65
CA LYS A 87 1.15 3.88 6.45
C LYS A 87 2.05 2.99 5.58
N ASP A 88 3.07 2.39 6.20
CA ASP A 88 3.98 1.45 5.53
C ASP A 88 4.50 1.95 4.18
N ALA A 89 5.05 3.17 4.20
CA ALA A 89 5.53 3.82 2.98
C ALA A 89 7.02 4.09 3.08
N ASN A 90 7.67 3.33 3.98
CA ASN A 90 9.06 3.56 4.33
C ASN A 90 9.96 2.52 3.67
N LEU A 91 10.98 2.99 2.95
CA LEU A 91 11.88 2.09 2.24
C LEU A 91 13.25 2.03 2.88
N TYR A 92 13.80 0.80 2.85
CA TYR A 92 15.19 0.54 3.09
C TYR A 92 15.94 0.37 1.74
N ILE A 93 17.05 1.09 1.57
CA ILE A 93 17.84 1.05 0.34
C ILE A 93 19.30 0.69 0.64
N SER A 94 19.88 -0.23 -0.12
CA SER A 94 21.32 -0.47 0.01
C SER A 94 22.01 -0.63 -1.35
N GLY A 95 23.33 -0.49 -1.34
CA GLY A 95 24.13 -0.68 -2.55
C GLY A 95 24.41 0.66 -3.24
N LEU A 96 23.96 1.75 -2.63
CA LEU A 96 24.18 3.09 -3.18
C LEU A 96 25.65 3.43 -3.13
N PRO A 97 26.17 4.09 -4.18
CA PRO A 97 27.56 4.52 -4.12
C PRO A 97 27.74 5.46 -2.94
N ARG A 98 28.87 5.31 -2.24
CA ARG A 98 29.14 6.12 -1.06
C ARG A 98 29.25 7.63 -1.32
N THR A 99 29.40 8.00 -2.60
CA THR A 99 29.47 9.42 -2.98
C THR A 99 28.09 10.09 -3.03
N MET A 100 27.02 9.30 -2.97
CA MET A 100 25.70 9.91 -2.98
C MET A 100 25.39 10.55 -1.63
N THR A 101 25.06 11.85 -1.66
CA THR A 101 24.60 12.56 -0.46
C THR A 101 23.12 12.30 -0.22
N GLN A 102 22.63 12.72 0.95
CA GLN A 102 21.21 12.69 1.24
C GLN A 102 20.41 13.37 0.13
N LYS A 103 20.84 14.57 -0.28
CA LYS A 103 20.14 15.29 -1.34
C LYS A 103 20.15 14.52 -2.67
N ASP A 104 21.28 13.90 -3.00
CA ASP A 104 21.40 13.07 -4.20
C ASP A 104 20.41 11.90 -4.18
N VAL A 105 20.25 11.27 -3.02
CA VAL A 105 19.32 10.14 -2.86
C VAL A 105 17.89 10.65 -3.01
N GLU A 106 17.62 11.80 -2.40
CA GLU A 106 16.29 12.39 -2.49
C GLU A 106 15.98 12.79 -3.94
N ASP A 107 16.96 13.39 -4.62
CA ASP A 107 16.86 13.71 -6.05
C ASP A 107 16.50 12.48 -6.88
N MET A 108 17.04 11.33 -6.49
CA MET A 108 16.83 10.10 -7.24
C MET A 108 15.42 9.52 -7.03
N PHE A 109 14.85 9.72 -5.84
CA PHE A 109 13.58 9.09 -5.50
C PHE A 109 12.37 10.06 -5.59
N SER A 110 12.65 11.35 -5.69
CA SER A 110 11.59 12.37 -5.71
C SER A 110 10.56 12.23 -6.85
N ARG A 111 10.95 11.64 -7.97
CA ARG A 111 10.04 11.44 -9.11
C ARG A 111 8.82 10.59 -8.76
N PHE A 112 8.93 9.76 -7.72
CA PHE A 112 7.86 8.84 -7.36
C PHE A 112 6.81 9.46 -6.46
N GLY A 113 7.14 10.61 -5.86
CA GLY A 113 6.14 11.31 -5.05
C GLY A 113 6.78 12.09 -3.93
N ARG A 114 5.94 12.64 -3.07
CA ARG A 114 6.40 13.45 -1.94
C ARG A 114 7.20 12.61 -0.95
N ILE A 115 8.38 13.09 -0.60
CA ILE A 115 9.24 12.44 0.38
C ILE A 115 9.01 13.08 1.77
N ILE A 116 8.63 12.26 2.74
CA ILE A 116 8.36 12.72 4.12
C ILE A 116 9.66 12.93 4.90
N ASN A 117 10.56 11.94 4.84
CA ASN A 117 11.86 12.02 5.48
C ASN A 117 12.80 10.99 4.87
N SER A 118 14.09 11.19 5.12
CA SER A 118 15.12 10.34 4.54
C SER A 118 16.39 10.40 5.36
N ARG A 119 17.24 9.41 5.18
CA ARG A 119 18.46 9.30 5.96
C ARG A 119 19.47 8.45 5.18
N VAL A 120 20.71 8.94 5.10
CA VAL A 120 21.81 8.12 4.61
C VAL A 120 22.71 7.79 5.79
N LEU A 121 22.87 6.49 6.04
CA LEU A 121 23.67 6.02 7.17
C LEU A 121 25.17 6.14 6.91
N VAL A 122 25.89 6.62 7.92
CA VAL A 122 27.32 6.86 7.84
C VAL A 122 28.05 5.93 8.79
N ASP A 123 29.23 5.48 8.38
CA ASP A 123 30.14 4.69 9.19
C ASP A 123 30.91 5.68 10.05
N GLN A 124 30.67 5.63 11.36
CA GLN A 124 31.32 6.54 12.31
C GLN A 124 32.83 6.35 12.45
N THR A 125 33.36 5.24 11.95
CA THR A 125 34.83 5.03 12.01
C THR A 125 35.55 5.78 10.91
N THR A 126 34.88 5.94 9.78
CA THR A 126 35.50 6.50 8.59
C THR A 126 34.83 7.80 8.11
N GLY A 127 33.65 8.10 8.63
CA GLY A 127 32.90 9.28 8.19
C GLY A 127 32.19 9.13 6.85
N LEU A 128 32.36 7.98 6.20
CA LEU A 128 31.82 7.73 4.86
C LEU A 128 30.44 7.08 4.89
N SER A 129 29.61 7.42 3.91
CA SER A 129 28.32 6.78 3.69
C SER A 129 28.50 5.28 3.56
N ARG A 130 27.55 4.54 4.16
CA ARG A 130 27.50 3.09 4.05
C ARG A 130 26.76 2.67 2.79
N GLY A 131 26.27 3.64 2.02
CA GLY A 131 25.46 3.35 0.83
C GLY A 131 24.10 2.79 1.19
N VAL A 132 23.71 2.96 2.45
CA VAL A 132 22.41 2.48 2.95
C VAL A 132 21.60 3.71 3.30
N ALA A 133 20.35 3.72 2.89
CA ALA A 133 19.50 4.90 3.13
C ALA A 133 18.09 4.49 3.43
N PHE A 134 17.37 5.41 4.07
CA PHE A 134 15.93 5.28 4.25
C PHE A 134 15.25 6.43 3.52
N ILE A 135 14.09 6.12 2.95
CA ILE A 135 13.26 7.08 2.25
C ILE A 135 11.81 6.73 2.53
N ARG A 136 11.08 7.64 3.16
N ARG A 136 11.09 7.64 3.17
CA ARG A 136 9.65 7.46 3.39
CA ARG A 136 9.65 7.46 3.38
C ARG A 136 8.86 8.36 2.46
C ARG A 136 8.87 8.37 2.44
N PHE A 137 7.90 7.78 1.74
CA PHE A 137 7.05 8.50 0.83
C PHE A 137 5.74 8.85 1.55
N ASP A 138 5.03 9.83 1.00
CA ASP A 138 3.73 10.23 1.52
C ASP A 138 2.74 9.05 1.51
N LYS A 139 2.78 8.28 0.43
CA LYS A 139 1.82 7.19 0.22
C LYS A 139 2.54 5.92 -0.13
N ARG A 140 2.00 4.77 0.29
CA ARG A 140 2.67 3.49 0.02
C ARG A 140 2.78 3.19 -1.48
N SER A 141 1.78 3.59 -2.28
CA SER A 141 1.81 3.38 -3.74
C SER A 141 3.06 3.99 -4.40
N GLU A 142 3.50 5.14 -3.87
CA GLU A 142 4.72 5.82 -4.32
C GLU A 142 6.00 5.01 -4.05
N ALA A 143 6.10 4.47 -2.85
CA ALA A 143 7.19 3.57 -2.47
C ALA A 143 7.20 2.30 -3.32
N GLU A 144 6.03 1.73 -3.59
CA GLU A 144 5.91 0.57 -4.48
C GLU A 144 6.43 0.83 -5.88
N GLU A 145 6.11 2.03 -6.41
CA GLU A 145 6.60 2.43 -7.73
C GLU A 145 8.13 2.52 -7.74
N ALA A 146 8.70 3.02 -6.64
CA ALA A 146 10.17 3.12 -6.51
C ALA A 146 10.82 1.74 -6.53
N ILE A 147 10.24 0.81 -5.78
CA ILE A 147 10.76 -0.58 -5.71
C ILE A 147 10.81 -1.15 -7.11
N THR A 148 9.67 -1.18 -7.79
CA THR A 148 9.62 -1.79 -9.11
C THR A 148 10.59 -1.13 -10.11
N SER A 149 10.75 0.20 -10.01
CA SER A 149 11.68 0.91 -10.90
C SER A 149 13.15 0.66 -10.59
N PHE A 150 13.51 0.59 -9.32
CA PHE A 150 14.91 0.62 -8.90
C PHE A 150 15.52 -0.67 -8.35
N ASN A 151 14.72 -1.52 -7.71
CA ASN A 151 15.26 -2.72 -7.06
C ASN A 151 15.95 -3.62 -8.07
N GLY A 152 17.19 -3.99 -7.76
CA GLY A 152 17.99 -4.88 -8.62
C GLY A 152 18.67 -4.14 -9.77
N HIS A 153 18.49 -2.82 -9.80
CA HIS A 153 19.02 -2.00 -10.90
C HIS A 153 20.22 -1.18 -10.49
N LYS A 154 21.09 -0.92 -11.46
CA LYS A 154 22.27 -0.10 -11.23
C LYS A 154 21.93 1.35 -11.52
N PRO A 155 22.26 2.27 -10.59
CA PRO A 155 22.17 3.70 -10.91
C PRO A 155 23.19 4.08 -11.99
N PRO A 156 22.90 5.14 -12.80
CA PRO A 156 23.90 5.58 -13.78
C PRO A 156 25.21 5.95 -13.10
N GLY A 157 26.32 5.54 -13.69
CA GLY A 157 27.62 5.79 -13.11
C GLY A 157 28.07 4.81 -12.03
N SER A 158 27.28 3.76 -11.80
CA SER A 158 27.64 2.75 -10.81
C SER A 158 27.46 1.35 -11.37
N SER A 159 28.43 0.47 -11.11
CA SER A 159 28.35 -0.93 -11.49
C SER A 159 27.60 -1.77 -10.47
N GLU A 160 27.13 -1.14 -9.40
CA GLU A 160 26.53 -1.86 -8.28
C GLU A 160 25.00 -1.82 -8.25
N PRO A 161 24.34 -2.99 -8.42
CA PRO A 161 22.88 -3.07 -8.35
C PRO A 161 22.40 -2.69 -6.96
N ILE A 162 21.29 -1.97 -6.86
CA ILE A 162 20.79 -1.59 -5.54
C ILE A 162 19.60 -2.43 -5.09
N THR A 163 19.43 -2.56 -3.78
CA THR A 163 18.26 -3.18 -3.18
C THR A 163 17.32 -2.08 -2.70
N VAL A 164 16.06 -2.12 -3.15
CA VAL A 164 15.02 -1.21 -2.67
C VAL A 164 13.85 -2.09 -2.18
N LYS A 165 13.52 -1.98 -0.90
CA LYS A 165 12.46 -2.79 -0.29
C LYS A 165 11.81 -2.03 0.86
N PHE A 166 10.64 -2.49 1.29
CA PHE A 166 10.04 -1.92 2.50
C PHE A 166 10.94 -2.17 3.72
N ALA A 167 11.15 -1.12 4.50
CA ALA A 167 12.02 -1.19 5.68
C ALA A 167 11.42 -2.09 6.76
N ALA A 168 12.29 -2.69 7.58
CA ALA A 168 11.94 -3.32 8.87
C ALA A 168 12.89 -4.45 9.25
N GLY B 1 1.76 -8.43 -29.84
CA GLY B 1 0.51 -8.57 -29.04
C GLY B 1 0.73 -9.38 -27.77
N ARG B 2 -0.16 -9.19 -26.79
CA ARG B 2 -0.05 -9.87 -25.50
C ARG B 2 -0.27 -11.37 -25.65
N THR B 3 0.68 -12.15 -25.13
CA THR B 3 0.56 -13.62 -25.12
C THR B 3 0.21 -14.16 -23.74
N ASN B 4 0.42 -13.35 -22.69
CA ASN B 4 0.43 -13.81 -21.29
C ASN B 4 -0.91 -13.63 -20.59
N LEU B 5 -1.42 -14.72 -20.02
CA LEU B 5 -2.75 -14.74 -19.40
C LEU B 5 -2.68 -15.07 -17.92
N ILE B 6 -3.55 -14.45 -17.12
CA ILE B 6 -3.76 -14.91 -15.75
C ILE B 6 -5.09 -15.68 -15.70
N VAL B 7 -5.06 -16.83 -15.04
CA VAL B 7 -6.23 -17.69 -14.90
C VAL B 7 -6.65 -17.82 -13.43
N ASN B 8 -7.82 -17.31 -13.07
CA ASN B 8 -8.26 -17.29 -11.66
C ASN B 8 -9.44 -18.24 -11.39
N TYR B 9 -9.69 -18.55 -10.10
CA TYR B 9 -10.77 -19.47 -9.66
C TYR B 9 -10.63 -20.92 -10.17
N LEU B 10 -9.40 -21.44 -10.14
CA LEU B 10 -9.17 -22.83 -10.51
C LEU B 10 -9.63 -23.74 -9.38
N PRO B 11 -10.07 -24.97 -9.72
CA PRO B 11 -10.40 -25.90 -8.61
C PRO B 11 -9.17 -26.16 -7.73
N GLN B 12 -9.38 -26.23 -6.41
CA GLN B 12 -8.30 -26.38 -5.43
C GLN B 12 -7.34 -27.54 -5.71
N ASN B 13 -7.84 -28.59 -6.34
CA ASN B 13 -7.06 -29.80 -6.58
C ASN B 13 -6.38 -29.86 -7.95
N MET B 14 -6.62 -28.86 -8.80
CA MET B 14 -6.02 -28.81 -10.14
C MET B 14 -4.49 -28.66 -10.08
N THR B 15 -3.81 -29.53 -10.81
CA THR B 15 -2.36 -29.52 -10.94
C THR B 15 -1.94 -28.59 -12.08
N GLN B 16 -0.65 -28.22 -12.07
CA GLN B 16 -0.04 -27.44 -13.15
C GLN B 16 -0.10 -28.20 -14.49
N ASP B 17 0.15 -29.52 -14.43
CA ASP B 17 0.03 -30.38 -15.60
C ASP B 17 -1.38 -30.26 -16.21
N GLU B 18 -2.39 -30.41 -15.36
CA GLU B 18 -3.79 -30.21 -15.75
C GLU B 18 -4.08 -28.82 -16.34
N LEU B 19 -3.53 -27.79 -15.70
CA LEU B 19 -3.65 -26.41 -16.21
C LEU B 19 -3.12 -26.29 -17.63
N ARG B 20 -1.88 -26.73 -17.85
CA ARG B 20 -1.22 -26.69 -19.15
C ARG B 20 -1.98 -27.48 -20.20
N SER B 21 -2.42 -28.70 -19.83
CA SER B 21 -3.20 -29.56 -20.72
C SER B 21 -4.48 -28.88 -21.20
N LEU B 22 -5.20 -28.24 -20.28
CA LEU B 22 -6.45 -27.54 -20.61
C LEU B 22 -6.26 -26.42 -21.64
N PHE B 23 -5.23 -25.62 -21.44
CA PHE B 23 -4.98 -24.46 -22.29
C PHE B 23 -4.28 -24.85 -23.59
N SER B 24 -3.61 -26.01 -23.56
CA SER B 24 -3.01 -26.65 -24.75
C SER B 24 -4.06 -26.97 -25.81
N SER B 25 -5.31 -27.09 -25.39
CA SER B 25 -6.40 -27.46 -26.31
C SER B 25 -6.83 -26.30 -27.23
N ILE B 26 -6.41 -25.09 -26.90
CA ILE B 26 -6.67 -23.92 -27.75
C ILE B 26 -5.53 -23.75 -28.76
N GLY B 27 -4.31 -24.08 -28.31
CA GLY B 27 -3.10 -23.91 -29.11
C GLY B 27 -1.85 -24.12 -28.28
N GLU B 28 -0.70 -23.87 -28.92
CA GLU B 28 0.62 -24.12 -28.34
C GLU B 28 0.94 -23.22 -27.15
N VAL B 29 1.18 -23.84 -26.01
CA VAL B 29 1.50 -23.13 -24.78
C VAL B 29 3.02 -23.08 -24.55
N GLU B 30 3.56 -21.86 -24.47
CA GLU B 30 4.99 -21.65 -24.20
C GLU B 30 5.34 -22.04 -22.75
N SER B 31 4.48 -21.63 -21.82
CA SER B 31 4.63 -21.98 -20.40
C SER B 31 3.31 -21.80 -19.64
N ALA B 32 3.19 -22.56 -18.55
CA ALA B 32 2.05 -22.47 -17.66
C ALA B 32 2.58 -22.69 -16.25
N LYS B 33 2.14 -21.86 -15.31
CA LYS B 33 2.59 -21.99 -13.93
C LYS B 33 1.42 -21.89 -12.96
N LEU B 34 1.18 -22.96 -12.20
CA LEU B 34 0.21 -22.90 -11.12
C LEU B 34 0.87 -22.23 -9.92
N ILE B 35 0.19 -21.24 -9.34
CA ILE B 35 0.77 -20.52 -8.21
C ILE B 35 0.40 -21.18 -6.88
N ARG B 36 1.43 -21.44 -6.06
CA ARG B 36 1.22 -22.08 -4.77
C ARG B 36 1.62 -21.17 -3.62
N ASP B 37 1.12 -21.50 -2.44
CA ASP B 37 1.42 -20.78 -1.20
C ASP B 37 2.90 -20.91 -0.86
N LYS B 38 3.53 -19.77 -0.58
CA LYS B 38 4.96 -19.71 -0.27
C LYS B 38 5.29 -20.39 1.05
N VAL B 39 4.32 -20.45 1.95
CA VAL B 39 4.52 -21.06 3.29
C VAL B 39 4.29 -22.57 3.30
N ALA B 40 3.10 -23.01 2.89
CA ALA B 40 2.72 -24.42 2.98
C ALA B 40 2.40 -25.11 1.64
N GLY B 41 2.71 -24.42 0.54
CA GLY B 41 2.75 -25.04 -0.78
C GLY B 41 1.47 -25.48 -1.45
N HIS B 42 0.33 -25.19 -0.85
CA HIS B 42 -0.95 -25.49 -1.49
C HIS B 42 -1.23 -24.52 -2.64
N SER B 43 -1.97 -25.00 -3.64
CA SER B 43 -2.41 -24.15 -4.75
C SER B 43 -3.19 -22.92 -4.27
N LEU B 44 -2.95 -21.80 -4.93
CA LEU B 44 -3.68 -20.58 -4.63
C LEU B 44 -4.89 -20.43 -5.54
N GLY B 45 -5.13 -21.46 -6.34
CA GLY B 45 -6.25 -21.51 -7.27
C GLY B 45 -6.16 -20.51 -8.42
N TYR B 46 -4.93 -20.15 -8.78
CA TYR B 46 -4.71 -19.30 -9.95
C TYR B 46 -3.36 -19.63 -10.55
N GLY B 47 -3.20 -19.29 -11.82
CA GLY B 47 -1.95 -19.52 -12.52
C GLY B 47 -1.82 -18.63 -13.73
N PHE B 48 -0.70 -18.77 -14.43
CA PHE B 48 -0.40 -17.98 -15.60
C PHE B 48 -0.18 -18.91 -16.79
N VAL B 49 -0.74 -18.53 -17.93
CA VAL B 49 -0.55 -19.28 -19.17
C VAL B 49 -0.08 -18.30 -20.25
N ASN B 50 1.13 -18.55 -20.75
CA ASN B 50 1.72 -17.77 -21.83
C ASN B 50 1.76 -18.62 -23.10
N TYR B 51 1.07 -18.15 -24.13
CA TYR B 51 1.01 -18.88 -25.38
C TYR B 51 2.20 -18.53 -26.24
N VAL B 52 2.45 -19.35 -27.26
CA VAL B 52 3.41 -19.00 -28.29
C VAL B 52 2.87 -17.82 -29.09
N THR B 53 1.56 -17.87 -29.40
CA THR B 53 0.92 -16.89 -30.27
C THR B 53 -0.11 -16.02 -29.54
N ALA B 54 -0.12 -14.72 -29.84
CA ALA B 54 -1.09 -13.79 -29.26
C ALA B 54 -2.53 -14.13 -29.68
N LYS B 55 -2.67 -14.58 -30.93
CA LYS B 55 -3.95 -15.01 -31.45
C LYS B 55 -4.54 -16.15 -30.63
N ASP B 56 -3.70 -17.10 -30.23
CA ASP B 56 -4.16 -18.23 -29.41
C ASP B 56 -4.55 -17.75 -28.00
N ALA B 57 -3.83 -16.73 -27.50
CA ALA B 57 -4.15 -16.12 -26.20
C ALA B 57 -5.52 -15.46 -26.20
N GLU B 58 -5.86 -14.76 -27.30
CA GLU B 58 -7.20 -14.15 -27.46
C GLU B 58 -8.29 -15.21 -27.48
N ARG B 59 -8.08 -16.25 -28.26
CA ARG B 59 -9.01 -17.36 -28.41
C ARG B 59 -9.25 -18.06 -27.07
N ALA B 60 -8.17 -18.23 -26.29
CA ALA B 60 -8.26 -18.80 -24.96
C ALA B 60 -9.21 -18.00 -24.06
N ILE B 61 -9.13 -16.67 -24.15
CA ILE B 61 -10.01 -15.83 -23.34
C ILE B 61 -11.45 -15.99 -23.80
N ASN B 62 -11.65 -16.07 -25.12
CA ASN B 62 -13.00 -16.24 -25.65
C ASN B 62 -13.56 -17.63 -25.40
N THR B 63 -12.71 -18.65 -25.43
CA THR B 63 -13.19 -20.02 -25.27
C THR B 63 -13.31 -20.45 -23.81
N LEU B 64 -12.32 -20.08 -22.99
CA LEU B 64 -12.21 -20.64 -21.64
C LEU B 64 -12.61 -19.70 -20.48
N ASN B 65 -12.68 -18.38 -20.74
CA ASN B 65 -13.25 -17.48 -19.74
C ASN B 65 -14.65 -17.97 -19.38
N GLY B 66 -14.91 -18.13 -18.09
CA GLY B 66 -16.21 -18.58 -17.61
C GLY B 66 -16.50 -20.06 -17.73
N LEU B 67 -15.46 -20.89 -17.92
CA LEU B 67 -15.64 -22.34 -17.98
C LEU B 67 -16.03 -22.91 -16.62
N ARG B 68 -17.09 -23.71 -16.60
N ARG B 68 -17.08 -23.72 -16.63
CA ARG B 68 -17.59 -24.29 -15.37
CA ARG B 68 -17.63 -24.34 -15.43
C ARG B 68 -16.98 -25.67 -15.12
C ARG B 68 -16.92 -25.67 -15.15
N LEU B 69 -16.32 -25.80 -13.97
CA LEU B 69 -15.57 -27.00 -13.61
C LEU B 69 -15.52 -27.16 -12.09
N GLN B 70 -16.00 -28.30 -11.57
CA GLN B 70 -15.96 -28.62 -10.13
C GLN B 70 -16.53 -27.50 -9.23
N SER B 71 -17.70 -26.98 -9.62
CA SER B 71 -18.35 -25.85 -8.93
C SER B 71 -17.56 -24.54 -8.96
N LYS B 72 -16.55 -24.46 -9.82
CA LYS B 72 -15.82 -23.22 -10.07
C LYS B 72 -16.23 -22.66 -11.42
N THR B 73 -16.17 -21.34 -11.56
CA THR B 73 -16.28 -20.68 -12.87
C THR B 73 -14.96 -19.95 -13.12
N ILE B 74 -14.06 -20.55 -13.91
CA ILE B 74 -12.73 -19.95 -14.08
C ILE B 74 -12.82 -18.59 -14.80
N LYS B 75 -11.86 -17.72 -14.50
CA LYS B 75 -11.72 -16.46 -15.24
C LYS B 75 -10.39 -16.46 -15.99
N VAL B 76 -10.43 -16.06 -17.24
CA VAL B 76 -9.25 -15.98 -18.08
C VAL B 76 -9.14 -14.56 -18.57
N SER B 77 -8.04 -13.89 -18.27
CA SER B 77 -7.83 -12.50 -18.67
C SER B 77 -6.36 -12.26 -18.91
N TYR B 78 -6.04 -11.13 -19.55
CA TYR B 78 -4.65 -10.78 -19.82
C TYR B 78 -3.94 -10.42 -18.53
N ALA B 79 -2.75 -10.97 -18.35
CA ALA B 79 -1.93 -10.64 -17.22
C ALA B 79 -1.33 -9.26 -17.43
N ARG B 80 -1.34 -8.46 -16.37
CA ARG B 80 -0.68 -7.15 -16.39
C ARG B 80 0.78 -7.34 -16.01
N PRO B 81 1.66 -6.38 -16.38
CA PRO B 81 3.05 -6.46 -15.92
C PRO B 81 3.13 -6.67 -14.42
N SER B 82 4.03 -7.55 -13.99
CA SER B 82 4.23 -7.79 -12.56
C SER B 82 4.85 -6.58 -11.87
N SER B 83 4.25 -6.15 -10.77
CA SER B 83 4.79 -5.04 -10.00
C SER B 83 4.31 -5.05 -8.57
N GLU B 84 4.98 -4.27 -7.74
CA GLU B 84 4.56 -4.11 -6.35
C GLU B 84 3.24 -3.36 -6.22
N VAL B 85 3.01 -2.38 -7.09
CA VAL B 85 1.82 -1.52 -6.95
C VAL B 85 0.49 -2.24 -7.29
N ILE B 86 0.57 -3.35 -8.01
CA ILE B 86 -0.64 -4.09 -8.35
C ILE B 86 -1.03 -5.11 -7.28
N LYS B 87 -0.11 -5.41 -6.36
CA LYS B 87 -0.33 -6.52 -5.41
C LYS B 87 -1.37 -6.21 -4.34
N ASP B 88 -1.22 -5.08 -3.66
CA ASP B 88 -2.13 -4.76 -2.54
C ASP B 88 -3.11 -3.65 -2.89
N ALA B 89 -3.87 -3.87 -3.97
CA ALA B 89 -4.80 -2.88 -4.53
C ALA B 89 -6.27 -3.30 -4.31
N ASN B 90 -6.50 -4.18 -3.33
CA ASN B 90 -7.79 -4.84 -3.11
C ASN B 90 -8.49 -4.28 -1.86
N LEU B 91 -9.71 -3.79 -2.06
CA LEU B 91 -10.45 -3.09 -1.02
C LEU B 91 -11.61 -3.91 -0.47
N TYR B 92 -11.82 -3.82 0.83
CA TYR B 92 -13.03 -4.31 1.46
C TYR B 92 -13.89 -3.07 1.80
N ILE B 93 -15.15 -3.09 1.37
CA ILE B 93 -16.08 -1.97 1.52
C ILE B 93 -17.34 -2.42 2.27
N SER B 94 -17.77 -1.66 3.27
N SER B 94 -17.77 -1.64 3.26
CA SER B 94 -19.02 -1.95 3.99
CA SER B 94 -19.00 -1.92 4.02
C SER B 94 -19.89 -0.69 4.09
C SER B 94 -19.89 -0.69 4.09
N GLY B 95 -21.11 -0.85 4.60
CA GLY B 95 -22.06 0.24 4.75
C GLY B 95 -22.68 0.76 3.46
N LEU B 96 -22.67 -0.06 2.42
CA LEU B 96 -23.32 0.30 1.15
C LEU B 96 -24.82 0.01 1.20
N PRO B 97 -25.65 0.88 0.58
CA PRO B 97 -27.07 0.56 0.47
C PRO B 97 -27.30 -0.85 -0.05
N ARG B 98 -28.25 -1.57 0.55
CA ARG B 98 -28.54 -2.95 0.20
C ARG B 98 -29.15 -3.07 -1.20
N THR B 99 -29.62 -1.93 -1.73
CA THR B 99 -30.26 -1.86 -3.04
C THR B 99 -29.25 -1.85 -4.19
N MET B 100 -28.01 -1.44 -3.91
CA MET B 100 -26.95 -1.29 -4.92
C MET B 100 -26.52 -2.61 -5.55
N THR B 101 -26.52 -2.66 -6.88
CA THR B 101 -26.06 -3.83 -7.64
C THR B 101 -24.57 -3.79 -7.89
N GLN B 102 -23.99 -4.96 -8.24
CA GLN B 102 -22.56 -5.05 -8.62
C GLN B 102 -22.17 -3.97 -9.63
N LYS B 103 -22.98 -3.82 -10.69
CA LYS B 103 -22.75 -2.78 -11.69
C LYS B 103 -22.80 -1.37 -11.06
N ASP B 104 -23.68 -1.19 -10.07
CA ASP B 104 -23.84 0.11 -9.39
C ASP B 104 -22.56 0.41 -8.59
N VAL B 105 -22.08 -0.59 -7.85
CA VAL B 105 -20.85 -0.44 -7.07
C VAL B 105 -19.61 -0.23 -7.96
N GLU B 106 -19.51 -0.98 -9.05
CA GLU B 106 -18.44 -0.78 -10.05
C GLU B 106 -18.42 0.63 -10.63
N ASP B 107 -19.59 1.11 -11.08
CA ASP B 107 -19.71 2.46 -11.64
C ASP B 107 -19.28 3.47 -10.59
N MET B 108 -19.71 3.26 -9.34
CA MET B 108 -19.40 4.16 -8.24
C MET B 108 -17.89 4.27 -8.03
N PHE B 109 -17.19 3.14 -8.09
CA PHE B 109 -15.75 3.12 -7.80
C PHE B 109 -14.86 3.33 -9.05
N SER B 110 -15.48 3.28 -10.23
CA SER B 110 -14.74 3.44 -11.49
C SER B 110 -14.11 4.81 -11.72
N ARG B 111 -14.57 5.86 -11.04
CA ARG B 111 -13.93 7.18 -11.19
C ARG B 111 -12.46 7.18 -10.74
N PHE B 112 -12.08 6.19 -9.93
CA PHE B 112 -10.73 6.15 -9.38
C PHE B 112 -9.73 5.41 -10.25
N GLY B 113 -10.21 4.63 -11.22
CA GLY B 113 -9.31 3.87 -12.08
C GLY B 113 -9.85 2.54 -12.52
N ARG B 114 -8.98 1.72 -13.10
CA ARG B 114 -9.38 0.42 -13.63
C ARG B 114 -9.74 -0.56 -12.54
N ILE B 115 -10.96 -1.10 -12.63
CA ILE B 115 -11.38 -2.17 -11.76
C ILE B 115 -11.07 -3.51 -12.41
N ILE B 116 -10.33 -4.33 -11.67
CA ILE B 116 -9.92 -5.66 -12.08
C ILE B 116 -11.02 -6.69 -11.78
N ASN B 117 -11.61 -6.58 -10.58
CA ASN B 117 -12.68 -7.47 -10.15
C ASN B 117 -13.48 -6.83 -9.03
N SER B 118 -14.73 -7.25 -8.89
CA SER B 118 -15.64 -6.72 -7.89
C SER B 118 -16.65 -7.78 -7.49
N ARG B 119 -17.17 -7.66 -6.27
CA ARG B 119 -18.15 -8.59 -5.75
C ARG B 119 -18.95 -7.92 -4.64
N VAL B 120 -20.26 -7.87 -4.82
CA VAL B 120 -21.14 -7.54 -3.70
C VAL B 120 -21.50 -8.86 -3.01
N LEU B 121 -21.21 -8.94 -1.72
CA LEU B 121 -21.40 -10.17 -0.96
C LEU B 121 -22.86 -10.28 -0.52
N VAL B 122 -23.38 -11.50 -0.53
CA VAL B 122 -24.76 -11.79 -0.10
C VAL B 122 -24.75 -12.82 1.02
N ASP B 123 -25.78 -12.82 1.86
CA ASP B 123 -25.97 -13.89 2.84
C ASP B 123 -26.14 -15.21 2.09
N GLN B 124 -25.40 -16.23 2.52
CA GLN B 124 -25.34 -17.50 1.80
C GLN B 124 -26.63 -18.31 1.81
N THR B 125 -27.59 -17.93 2.65
CA THR B 125 -28.89 -18.62 2.65
C THR B 125 -30.02 -17.76 2.09
N THR B 126 -30.04 -16.48 2.47
CA THR B 126 -31.08 -15.55 2.02
C THR B 126 -30.87 -15.07 0.58
N GLY B 127 -29.60 -14.91 0.19
CA GLY B 127 -29.24 -14.37 -1.12
C GLY B 127 -29.28 -12.85 -1.17
N LEU B 128 -29.58 -12.24 -0.02
CA LEU B 128 -29.77 -10.80 0.07
C LEU B 128 -28.46 -10.05 0.30
N SER B 129 -28.36 -8.86 -0.30
CA SER B 129 -27.16 -8.04 -0.23
C SER B 129 -26.84 -7.59 1.19
N ARG B 130 -25.54 -7.62 1.52
CA ARG B 130 -25.07 -7.28 2.86
C ARG B 130 -24.57 -5.84 2.95
N GLY B 131 -24.53 -5.14 1.82
CA GLY B 131 -23.90 -3.84 1.74
C GLY B 131 -22.38 -3.91 1.84
N VAL B 132 -21.84 -5.11 1.67
CA VAL B 132 -20.41 -5.34 1.74
C VAL B 132 -19.90 -5.70 0.35
N ALA B 133 -18.73 -5.18 -0.01
CA ALA B 133 -18.15 -5.52 -1.31
C ALA B 133 -16.63 -5.63 -1.28
N PHE B 134 -16.08 -6.39 -2.23
CA PHE B 134 -14.63 -6.34 -2.55
C PHE B 134 -14.51 -5.64 -3.87
N ILE B 135 -13.53 -4.73 -3.98
CA ILE B 135 -13.18 -4.09 -5.24
C ILE B 135 -11.67 -4.15 -5.34
N ARG B 136 -11.19 -4.82 -6.40
CA ARG B 136 -9.76 -4.80 -6.69
C ARG B 136 -9.48 -3.82 -7.81
N PHE B 137 -8.67 -2.80 -7.50
CA PHE B 137 -8.22 -1.91 -8.56
C PHE B 137 -6.98 -2.48 -9.21
N ASP B 138 -6.61 -1.93 -10.36
CA ASP B 138 -5.38 -2.25 -11.05
C ASP B 138 -4.19 -1.91 -10.11
N LYS B 139 -4.16 -0.67 -9.61
CA LYS B 139 -3.03 -0.18 -8.85
C LYS B 139 -3.45 0.32 -7.47
N ARG B 140 -2.56 0.16 -6.49
CA ARG B 140 -2.81 0.64 -5.13
C ARG B 140 -3.12 2.14 -5.08
N SER B 141 -2.49 2.91 -5.97
CA SER B 141 -2.73 4.34 -6.01
C SER B 141 -4.20 4.69 -6.34
N GLU B 142 -4.84 3.85 -7.14
CA GLU B 142 -6.27 4.01 -7.42
C GLU B 142 -7.10 3.64 -6.18
N ALA B 143 -6.75 2.55 -5.53
CA ALA B 143 -7.43 2.15 -4.27
C ALA B 143 -7.27 3.24 -3.22
N GLU B 144 -6.09 3.84 -3.14
CA GLU B 144 -5.83 4.94 -2.20
C GLU B 144 -6.81 6.10 -2.39
N GLU B 145 -7.09 6.45 -3.65
CA GLU B 145 -7.93 7.62 -3.90
C GLU B 145 -9.37 7.33 -3.51
N ALA B 146 -9.80 6.09 -3.68
CA ALA B 146 -11.11 5.61 -3.24
C ALA B 146 -11.29 5.72 -1.72
N ILE B 147 -10.27 5.28 -0.99
CA ILE B 147 -10.26 5.40 0.45
C ILE B 147 -10.42 6.88 0.86
N THR B 148 -9.56 7.73 0.32
CA THR B 148 -9.57 9.16 0.66
C THR B 148 -10.91 9.80 0.33
N SER B 149 -11.51 9.42 -0.78
CA SER B 149 -12.73 10.08 -1.22
C SER B 149 -13.95 9.66 -0.43
N PHE B 150 -14.00 8.39 -0.04
CA PHE B 150 -15.23 7.80 0.54
C PHE B 150 -15.17 7.33 1.98
N ASN B 151 -14.01 6.86 2.44
CA ASN B 151 -13.97 6.24 3.77
C ASN B 151 -14.50 7.15 4.88
N GLY B 152 -15.45 6.63 5.65
CA GLY B 152 -16.07 7.38 6.75
C GLY B 152 -17.25 8.28 6.36
N HIS B 153 -17.54 8.39 5.07
CA HIS B 153 -18.63 9.27 4.62
C HIS B 153 -20.01 8.63 4.59
N LYS B 154 -20.99 9.40 5.03
CA LYS B 154 -22.38 8.93 5.08
C LYS B 154 -23.15 9.32 3.81
N PRO B 155 -23.83 8.35 3.19
CA PRO B 155 -24.81 8.65 2.16
C PRO B 155 -25.89 9.60 2.69
N PRO B 156 -26.30 10.60 1.88
CA PRO B 156 -27.40 11.50 2.26
C PRO B 156 -28.61 10.73 2.77
N GLY B 157 -29.19 11.21 3.87
CA GLY B 157 -30.35 10.56 4.48
C GLY B 157 -29.99 9.43 5.43
N SER B 158 -28.81 8.84 5.22
CA SER B 158 -28.34 7.72 6.05
C SER B 158 -27.40 8.16 7.16
N SER B 159 -27.51 7.49 8.30
CA SER B 159 -26.62 7.73 9.45
C SER B 159 -25.53 6.65 9.56
N GLU B 160 -25.47 5.75 8.59
CA GLU B 160 -24.42 4.72 8.53
C GLU B 160 -23.34 5.05 7.49
N PRO B 161 -22.08 5.18 7.93
CA PRO B 161 -21.02 5.57 7.01
C PRO B 161 -20.55 4.43 6.10
N ILE B 162 -20.06 4.81 4.93
CA ILE B 162 -19.33 3.90 4.07
C ILE B 162 -17.95 3.74 4.67
N THR B 163 -17.50 2.49 4.80
CA THR B 163 -16.12 2.24 5.15
C THR B 163 -15.42 1.63 3.95
N VAL B 164 -14.21 2.12 3.68
CA VAL B 164 -13.38 1.63 2.60
C VAL B 164 -11.99 1.46 3.19
N LYS B 165 -11.45 0.24 3.10
CA LYS B 165 -10.14 -0.05 3.68
C LYS B 165 -9.50 -1.18 2.89
N PHE B 166 -8.19 -1.35 3.01
CA PHE B 166 -7.55 -2.42 2.30
C PHE B 166 -7.99 -3.76 2.89
N ALA B 167 -8.23 -4.73 2.00
CA ALA B 167 -8.69 -6.07 2.36
C ALA B 167 -7.66 -6.82 3.18
N ALA B 168 -8.12 -7.60 4.17
CA ALA B 168 -7.25 -8.36 5.08
C ALA B 168 -6.22 -9.26 4.41
N ASN B 169 -6.38 -9.52 3.11
CA ASN B 169 -5.36 -10.21 2.30
C1 GOL E . -7.81 28.26 13.78
O1 GOL E . -6.68 28.67 14.50
C2 GOL E . -7.81 26.75 13.67
O2 GOL E . -8.37 26.20 14.84
C3 GOL E . -8.61 26.33 12.44
O3 GOL E . -8.15 25.07 11.96
C1 GOL F . 24.77 12.11 3.15
O1 GOL F . 24.48 13.49 3.08
C2 GOL F . 25.74 11.77 4.28
O2 GOL F . 26.83 11.06 3.70
C3 GOL F . 25.09 10.80 5.27
O3 GOL F . 24.02 11.33 6.04
C1 GOL G . 30.79 1.47 3.81
O1 GOL G . 31.45 2.71 4.00
C2 GOL G . 31.05 0.51 4.97
O2 GOL G . 29.85 0.32 5.69
C3 GOL G . 31.50 -0.83 4.42
O3 GOL G . 32.84 -1.03 4.82
C1 GOL H . 30.83 -7.81 -13.28
O1 GOL H . 31.79 -7.27 -14.16
C2 GOL H . 31.53 -8.52 -12.12
O2 GOL H . 31.14 -9.87 -12.09
C3 GOL H . 31.25 -7.87 -10.77
O3 GOL H . 29.86 -7.83 -10.47
C1 GOL I . 23.31 -6.21 -0.17
O1 GOL I . 21.98 -6.52 -0.55
C2 GOL I . 23.58 -4.71 -0.33
O2 GOL I . 23.05 -4.20 -1.53
C3 GOL I . 25.07 -4.43 -0.22
O3 GOL I . 25.61 -4.11 -1.49
C1 M2M J . 15.07 17.48 13.80
O1 M2M J . 14.06 17.97 12.91
C2 M2M J . 14.47 19.11 12.14
C3 M2M J . 13.95 19.04 10.70
O2 M2M J . 12.52 18.98 10.65
C4 M2M J . 11.92 19.90 9.75
C5 M2M J . 10.39 19.69 9.76
O3 M2M J . 9.73 20.58 10.68
C6 M2M J . 8.63 21.23 10.07
C1 EDO K . 23.97 11.67 -7.41
O1 EDO K . 23.66 10.48 -8.12
C2 EDO K . 25.46 11.98 -7.55
O2 EDO K . 26.06 12.03 -6.25
C1 EDO L . 6.47 25.79 9.33
O1 EDO L . 5.67 26.92 9.66
C2 EDO L . 5.65 24.86 8.46
O2 EDO L . 6.34 23.62 8.24
C1 GOL M . 24.33 3.64 11.29
O1 GOL M . 25.54 3.53 10.58
C2 GOL M . 24.21 2.53 12.34
O2 GOL M . 24.05 3.07 13.63
C3 GOL M . 23.01 1.63 11.99
O3 GOL M . 22.93 0.56 12.89
C1 GOL N . 14.65 9.11 8.81
O1 GOL N . 14.69 8.06 7.85
C2 GOL N . 15.03 8.53 10.16
O2 GOL N . 16.03 9.34 10.75
C3 GOL N . 13.82 8.49 11.07
O3 GOL N . 13.18 7.24 11.06
#